data_5JIO
#
_entry.id   5JIO
#
_cell.length_a   105.357
_cell.length_b   105.357
_cell.length_c   158.866
_cell.angle_alpha   90.000
_cell.angle_beta   90.000
_cell.angle_gamma   120.000
#
_symmetry.space_group_name_H-M   'P 62 2 2'
#
loop_
_entity.id
_entity.type
_entity.pdbx_description
1 polymer 'Alpha,alpha-trehalose-phosphate synthase'
2 non-polymer "ADENOSINE-5'-DIPHOSPHATE"
3 non-polymer 6-O-phosphono-alpha-D-glucopyranose
4 non-polymer 1,2-ETHANEDIOL
5 water water
#
_entity_poly.entity_id   1
_entity_poly.type   'polypeptide(L)'
_entity_poly.pdbx_seq_one_letter_code
;SMADRGDSGDSDFVVVANRLPIDLERAPDGTTSWKRSPGGLVTALEPLLRRRRGAWIGWPGIPDSDEDPIVDGDLVLYPV
RLSADDVAQYYEGFSNATLWPLYHDVIVKPIYNRQWWERYVEVNRRFAEATSRAAARGATVWVQDYQLQLVPKMLRELRP
DLTIGFFLHIPFPPVELFMQLPWRTEITDGLLGADLVGFHLPGGAQNFLFLARRLVGANTSRASVGVRSKFGEVQIGSRT
VKVGAFPISIDSADLDRQARQRSIRQRARQIRAELGNPRRILLGVDRLDYTKGIDVRLQAFAELLAEGRVNREDTVFVQL
ATPSRERVEAYRLLRDDIERQVGHINGEYGEVGHPVVHYLHRPVPREELIAFFVAADVMLVTPLRDGMNLVAKEYVACRS
DLGGALVLSEFTGAAAELGQAYLVNPHNLDHVKDTMVAALNQTPEEGRRRMRALRRQVLAHDVDLWARSFLDALASTRTG
DADAVPV
;
_entity_poly.pdbx_strand_id   A
#
# COMPACT_ATOMS: atom_id res chain seq x y z
N SER A 8 -20.35 19.88 -16.40
CA SER A 8 -19.46 19.94 -17.56
C SER A 8 -18.12 19.29 -17.24
N GLY A 9 -17.36 19.01 -18.28
CA GLY A 9 -16.14 18.21 -18.16
C GLY A 9 -16.15 17.20 -19.28
N ASP A 10 -14.98 16.73 -19.69
CA ASP A 10 -14.89 15.92 -20.90
C ASP A 10 -14.74 14.42 -20.65
N SER A 11 -14.41 14.03 -19.42
CA SER A 11 -14.10 12.63 -19.15
C SER A 11 -15.27 11.82 -18.60
N ASP A 12 -15.47 10.64 -19.15
CA ASP A 12 -16.52 9.73 -18.70
C ASP A 12 -16.06 8.88 -17.53
N PHE A 13 -14.74 8.83 -17.32
CA PHE A 13 -14.17 8.07 -16.22
C PHE A 13 -13.01 8.83 -15.59
N VAL A 14 -13.13 9.15 -14.31
CA VAL A 14 -12.10 9.92 -13.61
C VAL A 14 -11.66 9.24 -12.34
N VAL A 15 -10.34 9.08 -12.18
CA VAL A 15 -9.76 8.62 -10.92
C VAL A 15 -9.25 9.82 -10.14
N VAL A 16 -9.50 9.85 -8.82
CA VAL A 16 -9.01 10.93 -7.96
C VAL A 16 -8.20 10.36 -6.80
N ALA A 17 -6.97 10.84 -6.62
CA ALA A 17 -6.10 10.37 -5.54
C ALA A 17 -5.19 11.50 -5.12
N ASN A 18 -4.64 11.45 -3.91
CA ASN A 18 -3.68 12.49 -3.53
C ASN A 18 -2.45 12.43 -4.45
N ARG A 19 -2.03 11.23 -4.83
CA ARG A 19 -0.91 11.06 -5.75
C ARG A 19 -1.32 11.02 -7.21
N LEU A 20 -0.56 11.73 -8.05
CA LEU A 20 -0.45 11.41 -9.47
C LEU A 20 0.54 10.24 -9.60
N PRO A 21 0.59 9.58 -10.77
CA PRO A 21 1.61 8.53 -10.92
C PRO A 21 3.02 9.08 -11.03
N ILE A 22 3.14 10.40 -11.17
CA ILE A 22 4.45 11.04 -11.24
C ILE A 22 4.63 12.02 -10.08
N ASP A 23 5.89 12.27 -9.74
CA ASP A 23 6.25 13.02 -8.55
C ASP A 23 7.37 13.98 -8.93
N LEU A 24 7.16 15.28 -8.71
CA LEU A 24 8.13 16.27 -9.14
C LEU A 24 9.19 16.47 -8.05
N GLU A 25 10.45 16.50 -8.45
CA GLU A 25 11.55 16.62 -7.50
C GLU A 25 12.24 17.98 -7.59
N ARG A 26 12.53 18.56 -6.43
CA ARG A 26 13.19 19.87 -6.38
C ARG A 26 14.68 19.72 -6.09
N THR A 31 15.08 24.03 -10.23
CA THR A 31 15.34 22.90 -11.11
C THR A 31 14.29 21.80 -10.90
N THR A 32 13.76 21.25 -11.99
CA THR A 32 12.67 20.29 -11.91
C THR A 32 13.03 18.95 -12.53
N SER A 33 12.33 17.90 -12.10
CA SER A 33 12.51 16.54 -12.63
C SER A 33 11.38 15.62 -12.19
N TRP A 34 10.81 14.88 -13.14
CA TRP A 34 9.74 13.93 -12.84
C TRP A 34 10.30 12.55 -12.48
N LYS A 35 9.83 12.01 -11.36
CA LYS A 35 10.11 10.63 -10.96
C LYS A 35 8.81 9.86 -10.80
N ARG A 36 8.89 8.53 -10.78
CA ARG A 36 7.71 7.72 -10.48
C ARG A 36 7.29 7.94 -9.03
N SER A 37 5.98 8.05 -8.79
CA SER A 37 5.49 8.29 -7.43
C SER A 37 5.63 7.05 -6.57
N PRO A 38 5.81 7.25 -5.26
CA PRO A 38 5.96 6.08 -4.38
C PRO A 38 4.61 5.45 -4.07
N GLY A 39 4.68 4.24 -3.51
CA GLY A 39 3.52 3.61 -2.92
C GLY A 39 2.81 2.62 -3.82
N GLY A 40 2.04 1.74 -3.20
CA GLY A 40 1.35 0.68 -3.90
C GLY A 40 0.10 1.16 -4.60
N LEU A 41 -0.47 2.28 -4.16
CA LEU A 41 -1.63 2.83 -4.85
C LEU A 41 -1.27 3.13 -6.31
N VAL A 42 -0.14 3.80 -6.53
CA VAL A 42 0.35 4.06 -7.88
C VAL A 42 0.77 2.76 -8.59
N THR A 43 1.39 1.83 -7.85
CA THR A 43 1.77 0.55 -8.45
C THR A 43 0.58 -0.19 -9.05
N ALA A 44 -0.55 -0.15 -8.35
CA ALA A 44 -1.75 -0.83 -8.85
C ALA A 44 -2.48 -0.03 -9.92
N LEU A 45 -2.66 1.27 -9.69
CA LEU A 45 -3.52 2.06 -10.56
C LEU A 45 -2.86 2.52 -11.86
N GLU A 46 -1.54 2.68 -11.85
CA GLU A 46 -0.86 3.13 -13.06
C GLU A 46 -1.08 2.19 -14.26
N PRO A 47 -0.82 0.87 -14.10
CA PRO A 47 -1.04 0.03 -15.29
C PRO A 47 -2.50 -0.02 -15.73
N LEU A 48 -3.40 0.08 -14.75
CA LEU A 48 -4.83 0.18 -15.00
C LEU A 48 -5.16 1.34 -15.93
N LEU A 49 -4.75 2.54 -15.54
CA LEU A 49 -5.10 3.74 -16.30
C LEU A 49 -4.29 3.87 -17.58
N ARG A 50 -3.21 3.09 -17.69
CA ARG A 50 -2.49 3.07 -18.97
C ARG A 50 -3.24 2.26 -20.02
N ARG A 51 -4.03 1.29 -19.58
CA ARG A 51 -4.76 0.44 -20.53
C ARG A 51 -6.19 0.92 -20.76
N ARG A 52 -6.74 1.61 -19.76
CA ARG A 52 -8.12 2.06 -19.78
C ARG A 52 -8.22 3.58 -19.98
N ARG A 53 -9.16 4.00 -20.82
CA ARG A 53 -9.41 5.43 -21.04
C ARG A 53 -9.88 6.07 -19.74
N GLY A 54 -9.56 7.34 -19.56
CA GLY A 54 -9.93 8.02 -18.33
C GLY A 54 -8.89 9.03 -17.87
N ALA A 55 -9.31 9.92 -16.98
CA ALA A 55 -8.47 10.98 -16.46
C ALA A 55 -8.07 10.70 -15.01
N TRP A 56 -6.95 11.27 -14.60
CA TRP A 56 -6.42 11.06 -13.25
C TRP A 56 -6.10 12.41 -12.61
N ILE A 57 -6.82 12.70 -11.53
CA ILE A 57 -6.64 13.93 -10.78
C ILE A 57 -5.82 13.68 -9.52
N GLY A 58 -4.80 14.51 -9.29
CA GLY A 58 -3.95 14.32 -8.12
C GLY A 58 -2.91 15.40 -7.95
N TRP A 59 -2.19 15.36 -6.83
CA TRP A 59 -1.17 16.34 -6.50
C TRP A 59 0.21 15.89 -7.02
N PRO A 60 0.95 16.80 -7.66
CA PRO A 60 2.22 16.40 -8.30
C PRO A 60 3.41 16.31 -7.35
N GLY A 61 3.17 16.41 -6.05
CA GLY A 61 4.20 16.09 -5.06
C GLY A 61 5.08 17.26 -4.65
N ILE A 62 4.73 18.45 -5.10
CA ILE A 62 5.43 19.67 -4.68
C ILE A 62 4.43 20.77 -4.34
N PRO A 63 4.81 21.67 -3.43
CA PRO A 63 3.94 22.81 -3.14
C PRO A 63 3.89 23.81 -4.30
N ASP A 64 2.74 24.46 -4.45
CA ASP A 64 2.57 25.57 -5.40
C ASP A 64 2.96 25.23 -6.84
N SER A 65 2.49 24.09 -7.31
CA SER A 65 2.71 23.68 -8.69
C SER A 65 1.74 24.38 -9.63
N ASP A 66 1.96 24.21 -10.93
CA ASP A 66 0.98 24.59 -11.93
C ASP A 66 -0.23 23.70 -11.80
N GLU A 67 -1.33 24.07 -12.45
CA GLU A 67 -2.47 23.17 -12.55
C GLU A 67 -2.75 22.92 -14.03
N ASP A 68 -1.78 23.24 -14.87
CA ASP A 68 -1.83 22.91 -16.29
C ASP A 68 -1.86 21.40 -16.46
N PRO A 69 -2.80 20.89 -17.27
CA PRO A 69 -2.87 19.46 -17.54
C PRO A 69 -1.56 18.88 -18.05
N ILE A 70 -1.22 17.68 -17.59
CA ILE A 70 0.01 17.00 -17.96
C ILE A 70 -0.32 15.72 -18.73
N VAL A 71 0.28 15.57 -19.90
CA VAL A 71 0.09 14.36 -20.69
C VAL A 71 1.31 13.43 -20.56
N ASP A 72 1.12 12.34 -19.82
CA ASP A 72 2.17 11.35 -19.61
C ASP A 72 1.90 10.09 -20.43
N GLY A 73 2.35 10.09 -21.68
CA GLY A 73 2.02 9.04 -22.61
C GLY A 73 0.62 9.26 -23.16
N ASP A 74 -0.23 8.25 -23.05
CA ASP A 74 -1.62 8.35 -23.49
C ASP A 74 -2.47 8.93 -22.36
N LEU A 75 -1.88 8.95 -21.17
CA LEU A 75 -2.59 9.29 -19.94
C LEU A 75 -2.60 10.80 -19.68
N VAL A 76 -3.79 11.33 -19.42
CA VAL A 76 -3.95 12.76 -19.11
C VAL A 76 -4.04 12.97 -17.60
N LEU A 77 -3.14 13.80 -17.06
CA LEU A 77 -3.14 14.06 -15.63
C LEU A 77 -3.56 15.50 -15.35
N TYR A 78 -4.45 15.68 -14.37
CA TYR A 78 -4.87 17.00 -13.92
C TYR A 78 -4.30 17.27 -12.54
N PRO A 79 -3.23 18.08 -12.47
CA PRO A 79 -2.61 18.33 -11.16
C PRO A 79 -3.42 19.27 -10.29
N VAL A 80 -3.38 19.00 -8.99
CA VAL A 80 -4.01 19.85 -7.98
C VAL A 80 -2.93 20.59 -7.20
N ARG A 81 -3.06 21.92 -7.13
CA ARG A 81 -2.10 22.73 -6.40
C ARG A 81 -2.35 22.66 -4.90
N LEU A 82 -1.28 22.38 -4.15
CA LEU A 82 -1.30 22.49 -2.69
C LEU A 82 -0.27 23.53 -2.26
N SER A 83 -0.66 24.46 -1.38
CA SER A 83 0.28 25.42 -0.83
C SER A 83 1.21 24.73 0.17
N ALA A 84 2.23 25.44 0.62
CA ALA A 84 3.10 24.91 1.68
C ALA A 84 2.30 24.54 2.93
N ASP A 85 1.36 25.41 3.31
CA ASP A 85 0.50 25.14 4.47
C ASP A 85 -0.42 23.96 4.26
N ASP A 86 -0.90 23.81 3.03
CA ASP A 86 -1.70 22.64 2.66
C ASP A 86 -0.90 21.36 2.85
N VAL A 87 0.33 21.37 2.34
CA VAL A 87 1.18 20.19 2.47
C VAL A 87 1.44 19.89 3.95
N ALA A 88 1.70 20.93 4.74
CA ALA A 88 2.00 20.71 6.15
C ALA A 88 0.80 20.21 6.97
N GLN A 89 -0.38 20.76 6.70
CA GLN A 89 -1.51 20.57 7.61
C GLN A 89 -2.50 19.53 7.13
N TYR A 90 -2.65 19.43 5.81
CA TYR A 90 -3.52 18.40 5.21
C TYR A 90 -2.78 17.10 4.95
N TYR A 91 -1.56 17.18 4.42
CA TYR A 91 -0.86 15.96 3.98
C TYR A 91 0.04 15.41 5.09
N GLU A 92 1.00 16.19 5.55
CA GLU A 92 1.85 15.74 6.65
C GLU A 92 1.06 15.65 7.95
N GLY A 93 0.11 16.56 8.11
CA GLY A 93 -0.66 16.65 9.35
C GLY A 93 -1.83 15.69 9.40
N PHE A 94 -3.00 16.13 8.94
CA PHE A 94 -4.19 15.31 9.13
C PHE A 94 -4.07 13.94 8.49
N SER A 95 -3.58 13.88 7.25
CA SER A 95 -3.52 12.59 6.59
C SER A 95 -2.51 11.67 7.27
N ASN A 96 -1.29 12.14 7.47
CA ASN A 96 -0.26 11.19 7.88
C ASN A 96 0.20 11.25 9.34
N ALA A 97 -0.34 12.18 10.13
CA ALA A 97 -0.08 12.18 11.57
C ALA A 97 -1.39 12.08 12.39
N THR A 98 -2.53 12.10 11.70
CA THR A 98 -3.79 11.75 12.35
C THR A 98 -4.34 10.42 11.81
N LEU A 99 -4.71 10.38 10.53
CA LEU A 99 -5.41 9.22 10.01
C LEU A 99 -4.53 7.99 9.85
N TRP A 100 -3.33 8.16 9.28
CA TRP A 100 -2.46 7.00 9.05
C TRP A 100 -2.18 6.21 10.34
N PRO A 101 -1.73 6.88 11.43
CA PRO A 101 -1.48 6.07 12.63
C PRO A 101 -2.76 5.49 13.24
N LEU A 102 -3.85 6.27 13.24
CA LEU A 102 -5.11 5.80 13.82
C LEU A 102 -5.60 4.55 13.10
N TYR A 103 -5.59 4.58 11.78
CA TYR A 103 -6.18 3.46 11.04
C TYR A 103 -5.30 2.21 11.09
N HIS A 104 -4.01 2.40 11.37
CA HIS A 104 -3.08 1.27 11.54
C HIS A 104 -2.91 0.96 13.03
N ASP A 105 -4.02 0.82 13.75
CA ASP A 105 -4.05 0.30 15.12
C ASP A 105 -3.21 1.12 16.11
N VAL A 106 -3.29 2.43 15.94
CA VAL A 106 -2.50 3.42 16.68
C VAL A 106 -1.10 2.95 17.05
N ILE A 107 -0.37 2.42 16.06
CA ILE A 107 1.02 2.03 16.24
C ILE A 107 1.85 3.20 16.76
N VAL A 108 1.47 4.39 16.33
CA VAL A 108 2.01 5.64 16.80
C VAL A 108 0.82 6.45 17.32
N LYS A 109 1.03 7.29 18.33
CA LYS A 109 -0.11 8.06 18.86
C LYS A 109 -0.60 9.10 17.85
N PRO A 110 -1.88 9.03 17.46
CA PRO A 110 -2.41 10.05 16.56
C PRO A 110 -2.41 11.42 17.21
N ILE A 111 -2.24 12.45 16.39
CA ILE A 111 -2.34 13.82 16.86
C ILE A 111 -3.68 14.35 16.40
N TYR A 112 -4.50 14.86 17.33
CA TYR A 112 -5.77 15.44 16.93
C TYR A 112 -5.65 16.95 17.04
N ASN A 113 -5.79 17.60 15.89
CA ASN A 113 -5.50 19.03 15.76
C ASN A 113 -6.58 19.66 14.87
N ARG A 114 -7.29 20.64 15.42
CA ARG A 114 -8.43 21.22 14.70
C ARG A 114 -8.03 22.00 13.47
N GLN A 115 -6.87 22.68 13.52
CA GLN A 115 -6.40 23.41 12.33
C GLN A 115 -6.13 22.44 11.19
N TRP A 116 -5.53 21.29 11.50
CA TRP A 116 -5.30 20.23 10.52
C TRP A 116 -6.62 19.75 9.90
N TRP A 117 -7.63 19.56 10.75
CA TRP A 117 -8.94 19.14 10.26
C TRP A 117 -9.48 20.17 9.29
N GLU A 118 -9.40 21.43 9.67
CA GLU A 118 -9.96 22.50 8.86
C GLU A 118 -9.25 22.57 7.49
N ARG A 119 -7.95 22.34 7.49
CA ARG A 119 -7.20 22.31 6.24
C ARG A 119 -7.56 21.08 5.39
N TYR A 120 -7.74 19.94 6.06
CA TYR A 120 -8.15 18.71 5.39
C TYR A 120 -9.48 18.90 4.67
N VAL A 121 -10.42 19.58 5.33
CA VAL A 121 -11.70 19.88 4.71
C VAL A 121 -11.53 20.76 3.48
N GLU A 122 -10.70 21.79 3.61
CA GLU A 122 -10.47 22.72 2.51
C GLU A 122 -9.88 22.03 1.29
N VAL A 123 -8.88 21.19 1.54
CA VAL A 123 -8.21 20.51 0.45
C VAL A 123 -9.14 19.48 -0.20
N ASN A 124 -9.92 18.77 0.60
CA ASN A 124 -10.89 17.83 0.05
C ASN A 124 -11.88 18.56 -0.87
N ARG A 125 -12.27 19.76 -0.47
CA ARG A 125 -13.18 20.56 -1.28
C ARG A 125 -12.53 20.89 -2.63
N ARG A 126 -11.25 21.24 -2.59
CA ARG A 126 -10.51 21.56 -3.82
C ARG A 126 -10.44 20.34 -4.75
N PHE A 127 -10.18 19.16 -4.19
CA PHE A 127 -10.16 17.93 -4.99
C PHE A 127 -11.54 17.63 -5.59
N ALA A 128 -12.60 17.88 -4.83
CA ALA A 128 -13.97 17.67 -5.34
C ALA A 128 -14.28 18.59 -6.50
N GLU A 129 -13.91 19.86 -6.35
CA GLU A 129 -14.18 20.84 -7.38
C GLU A 129 -13.39 20.52 -8.66
N ALA A 130 -12.13 20.12 -8.47
CA ALA A 130 -11.29 19.72 -9.59
C ALA A 130 -11.91 18.54 -10.32
N THR A 131 -12.48 17.62 -9.53
CA THR A 131 -13.12 16.44 -10.11
C THR A 131 -14.33 16.83 -10.92
N SER A 132 -15.14 17.73 -10.37
CA SER A 132 -16.33 18.16 -11.09
C SER A 132 -15.97 18.78 -12.46
N ARG A 133 -14.87 19.53 -12.52
CA ARG A 133 -14.46 20.16 -13.77
C ARG A 133 -14.01 19.15 -14.81
N ALA A 134 -13.47 18.02 -14.36
CA ALA A 134 -13.01 16.99 -15.27
C ALA A 134 -14.14 16.06 -15.71
N ALA A 135 -15.15 15.92 -14.85
CA ALA A 135 -16.16 14.89 -15.04
C ALA A 135 -17.30 15.32 -15.93
N ALA A 136 -17.56 14.52 -16.97
CA ALA A 136 -18.70 14.75 -17.85
C ALA A 136 -20.01 14.45 -17.14
N ARG A 137 -21.13 14.86 -17.73
CA ARG A 137 -22.42 14.55 -17.14
C ARG A 137 -22.59 13.04 -17.03
N GLY A 138 -22.95 12.58 -15.83
CA GLY A 138 -23.19 11.17 -15.58
C GLY A 138 -21.94 10.31 -15.59
N ALA A 139 -20.78 10.93 -15.40
CA ALA A 139 -19.51 10.21 -15.41
C ALA A 139 -19.38 9.24 -14.25
N THR A 140 -18.45 8.32 -14.37
CA THR A 140 -18.04 7.48 -13.24
C THR A 140 -16.78 8.06 -12.61
N VAL A 141 -16.82 8.31 -11.30
CA VAL A 141 -15.69 8.86 -10.56
C VAL A 141 -15.27 7.87 -9.49
N TRP A 142 -13.98 7.58 -9.46
CA TRP A 142 -13.47 6.64 -8.47
C TRP A 142 -12.45 7.34 -7.59
N VAL A 143 -12.86 7.65 -6.36
CA VAL A 143 -12.03 8.38 -5.39
C VAL A 143 -11.19 7.40 -4.58
N GLN A 144 -9.91 7.71 -4.40
CA GLN A 144 -8.98 6.79 -3.76
C GLN A 144 -8.44 7.29 -2.43
N ASP A 145 -8.74 6.53 -1.38
CA ASP A 145 -7.93 6.44 -0.15
C ASP A 145 -8.16 7.53 0.91
N TYR A 146 -7.44 7.36 2.02
CA TYR A 146 -7.76 8.05 3.27
C TYR A 146 -7.60 9.56 3.24
N GLN A 147 -6.78 10.06 2.32
CA GLN A 147 -6.59 11.50 2.22
C GLN A 147 -7.84 12.21 1.72
N LEU A 148 -8.73 11.47 1.06
CA LEU A 148 -9.85 12.10 0.36
C LEU A 148 -11.22 11.58 0.80
N GLN A 149 -11.37 11.26 2.08
CA GLN A 149 -12.61 10.63 2.56
C GLN A 149 -13.83 11.55 2.55
N LEU A 150 -13.63 12.87 2.47
CA LEU A 150 -14.76 13.80 2.43
C LEU A 150 -15.25 14.04 1.00
N VAL A 151 -14.41 13.73 0.02
CA VAL A 151 -14.73 14.03 -1.38
C VAL A 151 -16.04 13.42 -1.89
N PRO A 152 -16.33 12.15 -1.56
CA PRO A 152 -17.59 11.63 -2.13
C PRO A 152 -18.86 12.43 -1.76
N LYS A 153 -18.99 12.84 -0.51
CA LYS A 153 -20.17 13.63 -0.13
C LYS A 153 -20.11 15.03 -0.77
N MET A 154 -18.92 15.62 -0.78
CA MET A 154 -18.75 16.94 -1.36
C MET A 154 -19.07 16.94 -2.84
N LEU A 155 -18.59 15.90 -3.53
CA LEU A 155 -18.81 15.76 -4.96
C LEU A 155 -20.28 15.50 -5.27
N ARG A 156 -20.96 14.74 -4.41
CA ARG A 156 -22.37 14.45 -4.66
C ARG A 156 -23.20 15.72 -4.56
N GLU A 157 -22.83 16.60 -3.63
CA GLU A 157 -23.57 17.84 -3.44
C GLU A 157 -23.37 18.78 -4.63
N LEU A 158 -22.17 18.77 -5.20
CA LEU A 158 -21.89 19.59 -6.40
C LEU A 158 -22.49 18.98 -7.67
N ARG A 159 -22.48 17.65 -7.74
CA ARG A 159 -22.75 16.91 -8.97
C ARG A 159 -23.55 15.64 -8.71
N PRO A 160 -24.86 15.77 -8.42
CA PRO A 160 -25.68 14.59 -8.13
C PRO A 160 -25.89 13.65 -9.33
N ASP A 161 -25.41 14.07 -10.50
CA ASP A 161 -25.50 13.26 -11.71
C ASP A 161 -24.43 12.16 -11.76
N LEU A 162 -23.40 12.29 -10.93
CA LEU A 162 -22.24 11.41 -10.99
C LEU A 162 -22.45 10.09 -10.25
N THR A 163 -21.85 9.03 -10.76
CA THR A 163 -21.77 7.77 -10.04
C THR A 163 -20.42 7.74 -9.33
N ILE A 164 -20.45 7.61 -8.01
CA ILE A 164 -19.23 7.80 -7.22
C ILE A 164 -18.83 6.54 -6.44
N GLY A 165 -17.60 6.10 -6.67
CA GLY A 165 -17.01 5.02 -5.90
C GLY A 165 -15.90 5.54 -5.02
N PHE A 166 -15.74 4.90 -3.87
CA PHE A 166 -14.61 5.18 -2.98
C PHE A 166 -13.93 3.88 -2.59
N PHE A 167 -12.60 3.84 -2.65
CA PHE A 167 -11.88 2.67 -2.16
C PHE A 167 -10.83 3.10 -1.15
N LEU A 168 -10.83 2.43 0.00
CA LEU A 168 -9.83 2.69 1.03
C LEU A 168 -8.66 1.71 0.89
N HIS A 169 -7.45 2.23 0.71
CA HIS A 169 -6.29 1.38 0.46
C HIS A 169 -5.56 0.97 1.75
N ILE A 170 -6.00 1.51 2.87
CA ILE A 170 -5.39 1.20 4.15
C ILE A 170 -6.46 0.52 5.02
N PRO A 171 -6.06 -0.09 6.14
CA PRO A 171 -7.07 -0.77 6.96
C PRO A 171 -8.14 0.19 7.44
N PHE A 172 -9.35 -0.31 7.65
CA PHE A 172 -10.33 0.47 8.40
C PHE A 172 -10.35 -0.07 9.83
N PRO A 173 -10.04 0.79 10.81
CA PRO A 173 -9.76 0.28 12.16
C PRO A 173 -11.02 -0.15 12.91
N PRO A 174 -10.83 -0.94 13.99
CA PRO A 174 -11.97 -1.35 14.82
C PRO A 174 -12.67 -0.11 15.37
N VAL A 175 -13.97 -0.24 15.59
CA VAL A 175 -14.77 0.88 16.06
C VAL A 175 -14.19 1.52 17.32
N GLU A 176 -13.65 0.71 18.24
CA GLU A 176 -13.10 1.22 19.49
C GLU A 176 -12.00 2.28 19.27
N LEU A 177 -11.24 2.12 18.18
CA LEU A 177 -10.21 3.08 17.86
C LEU A 177 -10.74 4.22 16.98
N PHE A 178 -11.56 3.88 15.97
CA PHE A 178 -12.09 4.92 15.08
C PHE A 178 -12.84 5.99 15.87
N MET A 179 -13.54 5.57 16.91
CA MET A 179 -14.36 6.51 17.68
C MET A 179 -13.53 7.57 18.41
N GLN A 180 -12.21 7.39 18.48
CA GLN A 180 -11.36 8.45 19.07
C GLN A 180 -11.43 9.74 18.27
N LEU A 181 -11.57 9.60 16.96
CA LEU A 181 -11.48 10.74 16.07
C LEU A 181 -12.54 11.80 16.38
N PRO A 182 -12.10 13.03 16.68
CA PRO A 182 -13.12 14.03 16.99
C PRO A 182 -14.09 14.24 15.84
N TRP A 183 -13.62 14.07 14.62
CA TRP A 183 -14.44 14.30 13.43
C TRP A 183 -14.93 12.99 12.83
N ARG A 184 -15.09 11.99 13.69
CA ARG A 184 -15.60 10.67 13.28
C ARG A 184 -16.90 10.75 12.46
N THR A 185 -17.84 11.61 12.84
CA THR A 185 -19.11 11.64 12.15
C THR A 185 -18.96 12.26 10.76
N GLU A 186 -18.14 13.30 10.67
CA GLU A 186 -17.95 14.00 9.40
C GLU A 186 -17.24 13.10 8.40
N ILE A 187 -16.30 12.30 8.89
CA ILE A 187 -15.57 11.37 8.03
C ILE A 187 -16.52 10.28 7.53
N THR A 188 -17.35 9.75 8.43
CA THR A 188 -18.28 8.70 8.06
C THR A 188 -19.31 9.23 7.04
N ASP A 189 -19.82 10.43 7.29
CA ASP A 189 -20.75 11.08 6.35
C ASP A 189 -20.10 11.28 4.99
N GLY A 190 -18.82 11.61 5.01
CA GLY A 190 -18.04 11.83 3.80
C GLY A 190 -18.00 10.57 2.94
N LEU A 191 -17.66 9.47 3.57
CA LEU A 191 -17.61 8.18 2.88
C LEU A 191 -18.98 7.74 2.38
N LEU A 192 -20.00 7.98 3.20
CA LEU A 192 -21.37 7.61 2.80
C LEU A 192 -21.92 8.44 1.64
N GLY A 193 -21.17 9.43 1.15
CA GLY A 193 -21.56 10.13 -0.04
C GLY A 193 -21.35 9.30 -1.32
N ALA A 194 -20.58 8.24 -1.20
CA ALA A 194 -20.31 7.35 -2.35
C ALA A 194 -21.48 6.41 -2.61
N ASP A 195 -21.55 5.86 -3.83
CA ASP A 195 -22.52 4.82 -4.14
C ASP A 195 -22.01 3.45 -3.73
N LEU A 196 -20.69 3.34 -3.69
CA LEU A 196 -20.00 2.12 -3.32
C LEU A 196 -18.79 2.50 -2.51
N VAL A 197 -18.67 1.90 -1.34
CA VAL A 197 -17.48 2.05 -0.53
C VAL A 197 -16.79 0.71 -0.43
N GLY A 198 -15.52 0.67 -0.86
CA GLY A 198 -14.81 -0.59 -0.90
C GLY A 198 -13.58 -0.59 0.01
N PHE A 199 -13.25 -1.78 0.51
CA PHE A 199 -12.11 -2.02 1.39
C PHE A 199 -11.37 -3.23 0.86
N HIS A 200 -10.11 -3.45 1.26
CA HIS A 200 -9.43 -4.66 0.83
C HIS A 200 -10.11 -5.93 1.36
N LEU A 201 -10.50 -5.88 2.63
CA LEU A 201 -10.91 -7.09 3.36
C LEU A 201 -12.32 -6.99 3.93
N PRO A 202 -12.98 -8.14 4.09
CA PRO A 202 -14.31 -8.14 4.71
C PRO A 202 -14.31 -7.49 6.09
N GLY A 203 -13.23 -7.66 6.84
CA GLY A 203 -13.10 -7.10 8.17
C GLY A 203 -13.23 -5.59 8.18
N GLY A 204 -12.61 -4.93 7.20
CA GLY A 204 -12.76 -3.50 7.05
C GLY A 204 -14.18 -3.08 6.73
N ALA A 205 -14.80 -3.81 5.79
CA ALA A 205 -16.16 -3.54 5.40
C ALA A 205 -17.11 -3.70 6.59
N GLN A 206 -16.86 -4.73 7.40
CA GLN A 206 -17.69 -5.01 8.56
C GLN A 206 -17.50 -3.95 9.65
N ASN A 207 -16.27 -3.51 9.84
CA ASN A 207 -16.03 -2.39 10.77
C ASN A 207 -16.81 -1.16 10.33
N PHE A 208 -16.80 -0.88 9.02
CA PHE A 208 -17.53 0.27 8.49
C PHE A 208 -19.05 0.12 8.67
N LEU A 209 -19.58 -1.09 8.45
CA LEU A 209 -21.00 -1.29 8.64
C LEU A 209 -21.39 -1.06 10.10
N PHE A 210 -20.60 -1.59 11.03
CA PHE A 210 -20.93 -1.42 12.44
C PHE A 210 -20.89 0.05 12.79
N LEU A 211 -19.84 0.70 12.34
CA LEU A 211 -19.69 2.13 12.53
C LEU A 211 -20.89 2.89 12.01
N ALA A 212 -21.38 2.52 10.83
CA ALA A 212 -22.55 3.17 10.26
C ALA A 212 -23.78 3.00 11.16
N ARG A 213 -23.83 1.88 11.89
CA ARG A 213 -24.95 1.61 12.79
C ARG A 213 -24.85 2.45 14.07
N ARG A 214 -23.74 2.31 14.79
CA ARG A 214 -23.54 3.06 16.03
C ARG A 214 -23.51 4.57 15.79
N LEU A 215 -22.59 5.00 14.94
CA LEU A 215 -22.30 6.41 14.81
C LEU A 215 -23.39 7.20 14.07
N VAL A 216 -23.85 6.68 12.94
CA VAL A 216 -24.84 7.40 12.13
C VAL A 216 -26.27 7.00 12.48
N GLY A 217 -26.45 5.77 12.93
CA GLY A 217 -27.77 5.27 13.24
C GLY A 217 -28.56 4.87 12.01
N ALA A 218 -27.84 4.58 10.93
CA ALA A 218 -28.49 4.15 9.70
C ALA A 218 -28.79 2.66 9.73
N ASN A 219 -29.83 2.25 9.02
CA ASN A 219 -30.09 0.83 8.87
C ASN A 219 -29.04 0.21 7.96
N THR A 220 -28.45 -0.89 8.40
CA THR A 220 -27.47 -1.61 7.59
C THR A 220 -27.79 -3.08 7.51
N SER A 221 -27.22 -3.76 6.52
CA SER A 221 -27.22 -5.21 6.48
C SER A 221 -26.43 -5.72 7.68
N ARG A 222 -26.78 -6.92 8.15
CA ARG A 222 -26.14 -7.46 9.36
C ARG A 222 -25.27 -8.68 9.05
N ALA A 223 -25.35 -9.16 7.82
CA ALA A 223 -24.58 -10.33 7.41
C ALA A 223 -23.10 -9.99 7.23
N SER A 224 -22.25 -11.01 7.29
CA SER A 224 -20.84 -10.83 6.97
C SER A 224 -20.72 -10.42 5.50
N VAL A 225 -19.61 -9.78 5.16
CA VAL A 225 -19.40 -9.36 3.78
C VAL A 225 -18.48 -10.38 3.11
N GLY A 226 -18.76 -10.72 1.86
CA GLY A 226 -17.93 -11.68 1.15
C GLY A 226 -16.71 -11.04 0.51
N VAL A 227 -15.92 -11.84 -0.20
CA VAL A 227 -14.83 -11.31 -1.00
C VAL A 227 -15.34 -11.11 -2.43
N ARG A 228 -15.39 -9.85 -2.86
CA ARG A 228 -15.89 -9.48 -4.19
C ARG A 228 -17.32 -9.98 -4.39
N SER A 229 -18.03 -10.18 -3.29
CA SER A 229 -19.37 -10.77 -3.32
C SER A 229 -20.10 -10.52 -2.01
N LYS A 230 -21.38 -10.86 -1.98
CA LYS A 230 -22.20 -10.73 -0.78
C LYS A 230 -22.02 -9.33 -0.16
N PHE A 231 -22.37 -8.31 -0.93
CA PHE A 231 -22.10 -6.95 -0.51
C PHE A 231 -23.03 -6.52 0.62
N GLY A 232 -22.54 -5.62 1.46
CA GLY A 232 -23.35 -5.03 2.51
C GLY A 232 -24.04 -3.79 1.96
N GLU A 233 -24.99 -3.25 2.71
CA GLU A 233 -25.70 -2.07 2.27
C GLU A 233 -25.95 -1.13 3.45
N VAL A 234 -25.92 0.17 3.18
CA VAL A 234 -26.28 1.16 4.18
C VAL A 234 -27.35 2.05 3.58
N GLN A 235 -28.46 2.21 4.31
CA GLN A 235 -29.55 3.03 3.84
C GLN A 235 -29.42 4.45 4.41
N ILE A 236 -29.40 5.44 3.52
CA ILE A 236 -29.17 6.82 3.91
C ILE A 236 -30.29 7.66 3.32
N GLY A 237 -31.37 7.79 4.09
CA GLY A 237 -32.57 8.45 3.61
C GLY A 237 -33.03 7.85 2.29
N SER A 238 -32.81 8.58 1.21
CA SER A 238 -33.29 8.17 -0.10
C SER A 238 -32.35 7.20 -0.82
N ARG A 239 -31.08 7.20 -0.41
CA ARG A 239 -30.07 6.43 -1.11
C ARG A 239 -29.68 5.14 -0.40
N THR A 240 -29.16 4.21 -1.18
CA THR A 240 -28.51 3.02 -0.66
C THR A 240 -27.04 3.08 -1.02
N VAL A 241 -26.18 2.84 -0.04
CA VAL A 241 -24.76 2.75 -0.29
C VAL A 241 -24.32 1.30 -0.21
N LYS A 242 -23.70 0.81 -1.28
CA LYS A 242 -23.15 -0.55 -1.28
C LYS A 242 -21.78 -0.59 -0.60
N VAL A 243 -21.51 -1.66 0.15
CA VAL A 243 -20.24 -1.81 0.85
C VAL A 243 -19.64 -3.17 0.50
N GLY A 244 -18.37 -3.17 0.12
CA GLY A 244 -17.77 -4.42 -0.32
C GLY A 244 -16.29 -4.57 -0.02
N ALA A 245 -15.81 -5.79 -0.18
CA ALA A 245 -14.39 -6.08 -0.02
C ALA A 245 -13.83 -6.50 -1.37
N PHE A 246 -12.74 -5.83 -1.76
CA PHE A 246 -12.08 -6.07 -3.03
C PHE A 246 -10.58 -5.99 -2.79
N PRO A 247 -9.92 -7.15 -2.61
CA PRO A 247 -8.48 -7.09 -2.28
C PRO A 247 -7.61 -6.68 -3.48
N ILE A 248 -6.87 -5.59 -3.34
CA ILE A 248 -6.11 -5.07 -4.47
C ILE A 248 -4.97 -6.03 -4.81
N SER A 249 -4.45 -5.92 -6.02
CA SER A 249 -3.31 -6.74 -6.43
C SER A 249 -2.47 -5.96 -7.44
N ILE A 250 -1.56 -6.67 -8.10
CA ILE A 250 -0.64 -6.09 -9.08
C ILE A 250 -0.96 -6.57 -10.47
N ASP A 251 -0.31 -5.95 -11.47
CA ASP A 251 -0.39 -6.47 -12.84
C ASP A 251 0.52 -7.70 -12.94
N SER A 252 0.04 -8.81 -12.41
CA SER A 252 0.84 -10.03 -12.19
C SER A 252 1.55 -10.56 -13.43
N ALA A 253 0.81 -10.73 -14.53
CA ALA A 253 1.37 -11.35 -15.73
C ALA A 253 2.49 -10.50 -16.34
N ASP A 254 2.31 -9.17 -16.31
CA ASP A 254 3.31 -8.27 -16.86
C ASP A 254 4.60 -8.34 -16.07
N LEU A 255 4.48 -8.35 -14.75
CA LEU A 255 5.65 -8.41 -13.88
C LEU A 255 6.37 -9.75 -14.02
N ASP A 256 5.58 -10.83 -14.09
CA ASP A 256 6.10 -12.17 -14.34
C ASP A 256 6.91 -12.22 -15.63
N ARG A 257 6.41 -11.59 -16.68
CA ARG A 257 7.16 -11.60 -17.94
C ARG A 257 8.42 -10.74 -17.83
N GLN A 258 8.32 -9.62 -17.12
CA GLN A 258 9.44 -8.72 -16.97
C GLN A 258 10.59 -9.43 -16.24
N ALA A 259 10.25 -10.20 -15.23
CA ALA A 259 11.24 -10.87 -14.40
C ALA A 259 11.95 -12.01 -15.14
N ARG A 260 11.41 -12.41 -16.30
CA ARG A 260 12.02 -13.51 -17.05
C ARG A 260 13.14 -13.06 -17.98
N GLN A 261 13.28 -11.74 -18.17
CA GLN A 261 14.29 -11.21 -19.09
C GLN A 261 15.70 -11.65 -18.74
N ARG A 262 16.50 -11.96 -19.75
CA ARG A 262 17.88 -12.41 -19.54
C ARG A 262 18.70 -11.41 -18.72
N SER A 263 18.54 -10.12 -19.01
CA SER A 263 19.32 -9.09 -18.32
C SER A 263 19.03 -9.07 -16.83
N ILE A 264 17.78 -9.31 -16.46
CA ILE A 264 17.40 -9.30 -15.05
C ILE A 264 17.96 -10.54 -14.35
N ARG A 265 17.92 -11.68 -15.04
CA ARG A 265 18.46 -12.91 -14.46
C ARG A 265 19.96 -12.78 -14.30
N GLN A 266 20.61 -12.14 -15.27
CA GLN A 266 22.05 -11.90 -15.21
C GLN A 266 22.38 -10.93 -14.07
N ARG A 267 21.55 -9.91 -13.89
CA ARG A 267 21.79 -8.94 -12.85
C ARG A 267 21.63 -9.58 -11.47
N ALA A 268 20.67 -10.48 -11.34
CA ALA A 268 20.48 -11.19 -10.06
C ALA A 268 21.72 -12.00 -9.72
N ARG A 269 22.33 -12.64 -10.73
CA ARG A 269 23.56 -13.39 -10.48
C ARG A 269 24.69 -12.45 -10.09
N GLN A 270 24.74 -11.27 -10.70
CA GLN A 270 25.79 -10.29 -10.41
C GLN A 270 25.65 -9.74 -8.99
N ILE A 271 24.42 -9.51 -8.58
CA ILE A 271 24.17 -9.02 -7.22
C ILE A 271 24.72 -10.02 -6.21
N ARG A 272 24.52 -11.31 -6.48
CA ARG A 272 25.02 -12.34 -5.56
C ARG A 272 26.56 -12.31 -5.57
N ALA A 273 27.15 -12.13 -6.75
CA ALA A 273 28.61 -12.01 -6.84
C ALA A 273 29.12 -10.78 -6.07
N GLU A 274 28.41 -9.66 -6.18
CA GLU A 274 28.83 -8.43 -5.51
C GLU A 274 28.72 -8.55 -4.00
N LEU A 275 27.88 -9.47 -3.54
CA LEU A 275 27.74 -9.75 -2.12
C LEU A 275 28.71 -10.85 -1.66
N GLY A 276 29.63 -11.23 -2.55
CA GLY A 276 30.62 -12.24 -2.22
C GLY A 276 30.04 -13.66 -2.23
N ASN A 277 29.07 -13.87 -3.12
CA ASN A 277 28.40 -15.15 -3.30
C ASN A 277 27.96 -15.84 -2.00
N PRO A 278 27.06 -15.20 -1.24
CA PRO A 278 26.52 -15.82 -0.04
C PRO A 278 25.70 -17.06 -0.36
N ARG A 279 25.56 -17.97 0.59
CA ARG A 279 24.67 -19.12 0.38
C ARG A 279 23.22 -18.66 0.40
N ARG A 280 22.89 -17.71 1.28
CA ARG A 280 21.51 -17.24 1.43
C ARG A 280 21.44 -15.72 1.54
N ILE A 281 20.51 -15.17 0.78
CA ILE A 281 20.19 -13.75 0.80
C ILE A 281 18.77 -13.57 1.31
N LEU A 282 18.63 -12.76 2.36
CA LEU A 282 17.31 -12.31 2.80
C LEU A 282 17.08 -10.89 2.31
N LEU A 283 15.84 -10.57 1.94
CA LEU A 283 15.56 -9.27 1.34
C LEU A 283 14.37 -8.62 1.99
N GLY A 284 14.48 -7.32 2.27
CA GLY A 284 13.32 -6.51 2.63
C GLY A 284 13.22 -5.35 1.67
N VAL A 285 11.97 -4.99 1.30
CA VAL A 285 11.69 -3.88 0.39
C VAL A 285 10.46 -3.15 0.91
N ASP A 286 10.62 -1.89 1.31
CA ASP A 286 9.46 -1.14 1.85
C ASP A 286 9.75 0.35 1.80
N ARG A 287 8.70 1.16 1.81
CA ARG A 287 8.85 2.52 2.28
C ARG A 287 9.32 2.48 3.74
N LEU A 288 10.12 3.47 4.13
CA LEU A 288 10.55 3.56 5.52
C LEU A 288 9.39 4.12 6.35
N ASP A 289 8.53 3.21 6.80
CA ASP A 289 7.26 3.56 7.47
C ASP A 289 7.17 2.66 8.69
N TYR A 290 6.68 3.20 9.81
CA TYR A 290 6.66 2.43 11.05
C TYR A 290 5.66 1.29 11.04
N THR A 291 4.81 1.23 10.01
CA THR A 291 3.90 0.10 9.89
C THR A 291 4.58 -1.15 9.34
N LYS A 292 5.77 -0.99 8.77
CA LYS A 292 6.31 -2.05 7.91
C LYS A 292 7.12 -3.11 8.65
N GLY A 293 7.42 -2.89 9.93
CA GLY A 293 8.12 -3.91 10.69
C GLY A 293 9.55 -4.15 10.24
N ILE A 294 10.19 -3.11 9.72
CA ILE A 294 11.61 -3.24 9.36
C ILE A 294 12.42 -3.44 10.65
N ASP A 295 11.97 -2.80 11.74
CA ASP A 295 12.66 -2.98 13.00
C ASP A 295 12.55 -4.42 13.52
N VAL A 296 11.39 -5.04 13.31
CA VAL A 296 11.18 -6.42 13.69
C VAL A 296 12.12 -7.39 12.96
N ARG A 297 12.24 -7.24 11.64
CA ARG A 297 13.07 -8.21 10.91
C ARG A 297 14.54 -8.00 11.25
N LEU A 298 14.96 -6.76 11.50
CA LEU A 298 16.35 -6.54 11.90
C LEU A 298 16.63 -7.12 13.28
N GLN A 299 15.71 -6.93 14.23
CA GLN A 299 15.88 -7.52 15.56
C GLN A 299 15.95 -9.05 15.47
N ALA A 300 15.09 -9.64 14.65
CA ALA A 300 15.07 -11.09 14.54
C ALA A 300 16.39 -11.61 13.98
N PHE A 301 16.87 -10.93 12.94
CA PHE A 301 18.15 -11.30 12.31
C PHE A 301 19.30 -11.17 13.32
N ALA A 302 19.32 -10.05 14.04
CA ALA A 302 20.33 -9.81 15.06
C ALA A 302 20.36 -10.94 16.09
N GLU A 303 19.19 -11.34 16.57
CA GLU A 303 19.15 -12.38 17.59
C GLU A 303 19.51 -13.74 17.03
N LEU A 304 19.12 -14.03 15.78
CA LEU A 304 19.56 -15.29 15.16
C LEU A 304 21.10 -15.36 15.04
N LEU A 305 21.72 -14.23 14.71
CA LEU A 305 23.19 -14.18 14.65
C LEU A 305 23.79 -14.38 16.05
N ALA A 306 23.25 -13.69 17.05
CA ALA A 306 23.72 -13.82 18.42
C ALA A 306 23.65 -15.26 18.91
N GLU A 307 22.59 -15.96 18.51
CA GLU A 307 22.34 -17.33 18.95
C GLU A 307 23.06 -18.34 18.07
N GLY A 308 23.72 -17.86 17.02
CA GLY A 308 24.43 -18.74 16.12
C GLY A 308 23.53 -19.68 15.33
N ARG A 309 22.30 -19.24 15.09
CA ARG A 309 21.33 -20.05 14.36
C ARG A 309 21.34 -19.70 12.87
N VAL A 310 22.00 -18.60 12.56
CA VAL A 310 22.27 -18.22 11.18
C VAL A 310 23.78 -18.03 11.05
N ASN A 311 24.36 -18.49 9.94
CA ASN A 311 25.80 -18.40 9.74
C ASN A 311 26.21 -17.01 9.27
N ARG A 312 26.97 -16.28 10.09
CA ARG A 312 27.30 -14.90 9.75
C ARG A 312 28.28 -14.80 8.58
N GLU A 313 28.86 -15.92 8.19
CA GLU A 313 29.81 -15.91 7.08
C GLU A 313 29.16 -16.10 5.72
N ASP A 314 27.98 -16.72 5.66
CA ASP A 314 27.40 -17.01 4.34
C ASP A 314 25.94 -16.61 4.17
N THR A 315 25.41 -15.85 5.12
CA THR A 315 24.03 -15.37 5.08
C THR A 315 24.04 -13.85 5.23
N VAL A 316 23.29 -13.17 4.38
CA VAL A 316 23.28 -11.70 4.37
C VAL A 316 21.87 -11.18 4.18
N PHE A 317 21.57 -10.03 4.79
CA PHE A 317 20.26 -9.39 4.69
C PHE A 317 20.41 -8.06 3.93
N VAL A 318 19.57 -7.86 2.93
CA VAL A 318 19.55 -6.62 2.17
C VAL A 318 18.21 -5.93 2.43
N GLN A 319 18.26 -4.67 2.89
CA GLN A 319 17.04 -3.90 3.12
C GLN A 319 17.04 -2.69 2.20
N LEU A 320 16.04 -2.63 1.33
CA LEU A 320 15.87 -1.50 0.42
C LEU A 320 14.72 -0.65 0.94
N ALA A 321 15.04 0.50 1.53
CA ALA A 321 14.02 1.34 2.15
C ALA A 321 13.86 2.63 1.35
N THR A 322 12.64 2.98 0.99
CA THR A 322 12.36 4.25 0.30
C THR A 322 12.02 5.31 1.32
N PRO A 323 12.71 6.47 1.29
CA PRO A 323 12.37 7.58 2.18
C PRO A 323 10.92 7.98 1.97
N SER A 324 10.18 8.25 3.04
CA SER A 324 8.76 8.54 2.92
C SER A 324 8.31 9.50 4.02
N ARG A 325 7.53 10.53 3.65
CA ARG A 325 6.90 11.43 4.62
C ARG A 325 7.90 11.95 5.65
N GLU A 326 9.07 12.36 5.15
CA GLU A 326 10.22 12.57 6.00
C GLU A 326 10.12 13.77 6.95
N ARG A 327 9.20 14.68 6.66
CA ARG A 327 9.05 15.84 7.55
C ARG A 327 8.20 15.53 8.78
N VAL A 328 7.50 14.40 8.76
CA VAL A 328 6.68 13.96 9.89
C VAL A 328 7.59 13.39 10.98
N GLU A 329 7.48 13.90 12.20
CA GLU A 329 8.47 13.55 13.23
C GLU A 329 8.53 12.06 13.54
N ALA A 330 7.38 11.37 13.55
CA ALA A 330 7.37 9.94 13.80
C ALA A 330 8.22 9.14 12.80
N TYR A 331 8.23 9.61 11.55
CA TYR A 331 9.00 8.97 10.50
C TYR A 331 10.51 9.23 10.67
N ARG A 332 10.86 10.44 11.11
CA ARG A 332 12.25 10.76 11.42
C ARG A 332 12.78 9.88 12.55
N LEU A 333 11.96 9.70 13.59
CA LEU A 333 12.37 8.88 14.72
C LEU A 333 12.54 7.41 14.34
N LEU A 334 11.64 6.92 13.49
CA LEU A 334 11.76 5.58 12.94
C LEU A 334 13.07 5.40 12.16
N ARG A 335 13.37 6.35 11.28
CA ARG A 335 14.60 6.27 10.50
C ARG A 335 15.81 6.16 11.42
N ASP A 336 15.83 6.98 12.48
CA ASP A 336 16.96 6.98 13.41
C ASP A 336 17.11 5.60 14.05
N ASP A 337 15.99 5.00 14.41
CA ASP A 337 16.00 3.70 15.07
C ASP A 337 16.45 2.56 14.14
N ILE A 338 15.95 2.56 12.91
CA ILE A 338 16.33 1.56 11.91
C ILE A 338 17.82 1.67 11.59
N GLU A 339 18.28 2.90 11.39
CA GLU A 339 19.69 3.10 11.03
C GLU A 339 20.59 2.69 12.20
N ARG A 340 20.16 2.91 13.43
CA ARG A 340 20.90 2.42 14.59
C ARG A 340 21.01 0.89 14.56
N GLN A 341 19.91 0.21 14.28
CA GLN A 341 19.94 -1.25 14.22
C GLN A 341 20.92 -1.75 13.17
N VAL A 342 20.94 -1.10 12.01
CA VAL A 342 21.85 -1.51 10.94
C VAL A 342 23.32 -1.37 11.39
N GLY A 343 23.66 -0.23 11.98
CA GLY A 343 25.03 0.00 12.42
C GLY A 343 25.41 -0.99 13.52
N HIS A 344 24.47 -1.23 14.42
CA HIS A 344 24.67 -2.16 15.53
C HIS A 344 24.98 -3.58 15.05
N ILE A 345 24.14 -4.07 14.16
CA ILE A 345 24.26 -5.46 13.73
C ILE A 345 25.57 -5.67 12.97
N ASN A 346 25.90 -4.73 12.10
CA ASN A 346 27.16 -4.85 11.38
C ASN A 346 28.38 -4.72 12.30
N GLY A 347 28.29 -3.85 13.30
CA GLY A 347 29.38 -3.70 14.23
C GLY A 347 29.65 -4.96 15.04
N GLU A 348 28.60 -5.73 15.27
CA GLU A 348 28.67 -6.91 16.14
C GLU A 348 29.04 -8.19 15.38
N TYR A 349 28.53 -8.33 14.16
CA TYR A 349 28.63 -9.58 13.42
C TYR A 349 29.32 -9.48 12.06
N GLY A 350 29.51 -8.27 11.56
CA GLY A 350 30.19 -8.10 10.28
C GLY A 350 31.71 -8.17 10.39
N GLU A 351 32.37 -8.16 9.23
CA GLU A 351 33.81 -8.00 9.17
C GLU A 351 34.11 -6.83 8.26
N VAL A 352 35.30 -6.25 8.38
CA VAL A 352 35.67 -5.19 7.46
C VAL A 352 35.70 -5.78 6.07
N GLY A 353 34.92 -5.19 5.18
CA GLY A 353 34.82 -5.67 3.81
C GLY A 353 33.66 -6.65 3.64
N HIS A 354 32.96 -6.94 4.74
CA HIS A 354 31.85 -7.90 4.71
C HIS A 354 30.75 -7.65 5.75
N PRO A 355 29.82 -6.72 5.46
CA PRO A 355 28.66 -6.51 6.32
C PRO A 355 27.74 -7.73 6.33
N VAL A 356 26.93 -7.87 7.37
CA VAL A 356 25.87 -8.87 7.32
C VAL A 356 24.56 -8.21 6.92
N VAL A 357 24.48 -6.88 7.02
CA VAL A 357 23.29 -6.13 6.58
C VAL A 357 23.67 -5.04 5.59
N HIS A 358 23.02 -5.04 4.43
CA HIS A 358 23.23 -3.98 3.46
C HIS A 358 21.95 -3.19 3.43
N TYR A 359 22.06 -1.88 3.60
CA TYR A 359 20.89 -1.03 3.78
C TYR A 359 20.99 0.13 2.81
N LEU A 360 19.96 0.29 1.97
CA LEU A 360 19.90 1.42 1.03
C LEU A 360 18.69 2.27 1.32
N HIS A 361 18.91 3.58 1.44
CA HIS A 361 17.82 4.51 1.80
C HIS A 361 17.47 5.32 0.57
N ARG A 362 16.99 4.64 -0.45
CA ARG A 362 16.67 5.32 -1.70
C ARG A 362 15.71 4.45 -2.50
N PRO A 363 14.95 5.06 -3.41
CA PRO A 363 14.17 4.25 -4.34
C PRO A 363 15.09 3.56 -5.35
N VAL A 364 14.89 2.28 -5.60
CA VAL A 364 15.70 1.55 -6.55
C VAL A 364 14.93 1.48 -7.88
N PRO A 365 15.62 1.60 -9.02
CA PRO A 365 14.92 1.52 -10.31
C PRO A 365 14.20 0.18 -10.44
N ARG A 366 13.09 0.16 -11.17
CA ARG A 366 12.25 -1.02 -11.22
C ARG A 366 12.99 -2.31 -11.63
N GLU A 367 13.79 -2.24 -12.69
CA GLU A 367 14.46 -3.45 -13.16
C GLU A 367 15.54 -3.92 -12.19
N GLU A 368 16.08 -2.99 -11.39
CA GLU A 368 17.05 -3.37 -10.38
C GLU A 368 16.32 -4.04 -9.21
N LEU A 369 15.17 -3.50 -8.86
CA LEU A 369 14.34 -4.10 -7.81
C LEU A 369 13.96 -5.53 -8.20
N ILE A 370 13.56 -5.73 -9.45
CA ILE A 370 13.15 -7.05 -9.88
C ILE A 370 14.33 -8.02 -9.78
N ALA A 371 15.52 -7.55 -10.12
CA ALA A 371 16.70 -8.38 -10.00
C ALA A 371 16.94 -8.78 -8.53
N PHE A 372 16.67 -7.88 -7.58
CA PHE A 372 16.81 -8.26 -6.17
C PHE A 372 15.78 -9.30 -5.76
N PHE A 373 14.53 -9.18 -6.22
CA PHE A 373 13.52 -10.19 -5.95
C PHE A 373 14.00 -11.57 -6.43
N VAL A 374 14.55 -11.62 -7.63
CA VAL A 374 15.03 -12.86 -8.23
C VAL A 374 16.24 -13.44 -7.47
N ALA A 375 17.10 -12.56 -6.97
CA ALA A 375 18.29 -12.98 -6.22
C ALA A 375 17.97 -13.52 -4.82
N ALA A 376 16.88 -13.05 -4.23
CA ALA A 376 16.62 -13.27 -2.81
C ALA A 376 16.08 -14.67 -2.48
N ASP A 377 16.79 -15.39 -1.61
CA ASP A 377 16.34 -16.70 -1.18
C ASP A 377 15.14 -16.62 -0.24
N VAL A 378 15.10 -15.55 0.56
CA VAL A 378 13.99 -15.34 1.48
C VAL A 378 13.54 -13.89 1.43
N MET A 379 12.25 -13.69 1.20
CA MET A 379 11.63 -12.35 1.20
C MET A 379 11.01 -12.11 2.57
N LEU A 380 11.43 -11.04 3.26
CA LEU A 380 10.93 -10.75 4.60
C LEU A 380 9.92 -9.62 4.55
N VAL A 381 8.64 -9.96 4.65
CA VAL A 381 7.59 -8.95 4.63
C VAL A 381 6.87 -8.98 5.97
N THR A 382 7.36 -8.18 6.93
CA THR A 382 6.92 -8.29 8.32
C THR A 382 6.16 -7.07 8.89
N PRO A 383 5.24 -6.45 8.12
CA PRO A 383 4.50 -5.32 8.72
C PRO A 383 3.74 -5.62 10.01
N LEU A 384 3.72 -4.63 10.89
CA LEU A 384 2.83 -4.67 12.04
C LEU A 384 1.36 -4.57 11.62
N ARG A 385 1.11 -3.82 10.55
CA ARG A 385 -0.24 -3.71 9.98
C ARG A 385 -0.08 -3.17 8.56
N ASP A 386 -0.76 -3.80 7.60
CA ASP A 386 -0.72 -3.32 6.23
C ASP A 386 -2.06 -3.61 5.58
N GLY A 387 -2.60 -2.64 4.86
CA GLY A 387 -3.87 -2.84 4.16
C GLY A 387 -3.81 -4.04 3.23
N MET A 388 -2.72 -4.14 2.48
CA MET A 388 -2.56 -5.33 1.62
C MET A 388 -1.13 -5.81 1.61
N ASN A 389 -0.24 -4.93 1.14
CA ASN A 389 1.17 -5.17 0.85
C ASN A 389 1.35 -5.81 -0.52
N LEU A 390 1.77 -5.00 -1.48
CA LEU A 390 1.95 -5.51 -2.82
C LEU A 390 3.36 -6.08 -3.02
N VAL A 391 4.31 -5.68 -2.17
CA VAL A 391 5.67 -6.23 -2.26
C VAL A 391 5.63 -7.77 -2.20
N ALA A 392 4.83 -8.32 -1.29
CA ALA A 392 4.67 -9.77 -1.19
C ALA A 392 4.23 -10.40 -2.50
N LYS A 393 3.25 -9.76 -3.15
CA LYS A 393 2.73 -10.29 -4.39
C LYS A 393 3.72 -10.09 -5.55
N GLU A 394 4.48 -9.00 -5.49
CA GLU A 394 5.50 -8.76 -6.50
C GLU A 394 6.59 -9.84 -6.47
N TYR A 395 7.07 -10.15 -5.27
CA TYR A 395 8.07 -11.21 -5.13
C TYR A 395 7.60 -12.52 -5.75
N VAL A 396 6.38 -12.92 -5.41
CA VAL A 396 5.78 -14.13 -5.92
C VAL A 396 5.70 -14.12 -7.44
N ALA A 397 5.27 -13.00 -8.02
CA ALA A 397 5.16 -12.90 -9.48
C ALA A 397 6.50 -13.03 -10.17
N CYS A 398 7.55 -12.61 -9.47
CA CYS A 398 8.90 -12.62 -10.05
C CYS A 398 9.55 -13.99 -10.02
N ARG A 399 9.10 -14.88 -9.15
CA ARG A 399 9.79 -16.17 -8.98
C ARG A 399 9.18 -17.29 -9.85
N SER A 400 9.18 -17.08 -11.17
CA SER A 400 8.70 -18.10 -12.10
C SER A 400 9.58 -19.35 -12.09
N ASP A 401 10.78 -19.21 -11.51
CA ASP A 401 11.72 -20.32 -11.34
C ASP A 401 11.29 -21.25 -10.19
N LEU A 402 10.33 -20.76 -9.40
CA LEU A 402 9.74 -21.44 -8.25
C LEU A 402 10.69 -21.52 -7.06
N GLY A 403 11.84 -20.87 -7.17
CA GLY A 403 12.72 -20.71 -6.01
C GLY A 403 12.19 -19.68 -5.03
N GLY A 404 12.90 -19.49 -3.93
CA GLY A 404 12.52 -18.49 -2.96
C GLY A 404 11.59 -18.98 -1.85
N ALA A 405 11.30 -18.06 -0.95
CA ALA A 405 10.45 -18.28 0.21
C ALA A 405 9.94 -16.95 0.65
N LEU A 406 8.64 -16.87 0.91
CA LEU A 406 8.05 -15.62 1.41
C LEU A 406 7.70 -15.76 2.88
N VAL A 407 8.28 -14.90 3.73
CA VAL A 407 7.93 -14.84 5.13
C VAL A 407 7.02 -13.64 5.26
N LEU A 408 5.79 -13.85 5.73
CA LEU A 408 4.75 -12.84 5.62
C LEU A 408 3.99 -12.63 6.92
N SER A 409 3.93 -11.39 7.37
CA SER A 409 3.12 -11.08 8.55
C SER A 409 1.64 -11.34 8.34
N GLU A 410 1.00 -11.93 9.34
CA GLU A 410 -0.42 -12.20 9.27
C GLU A 410 -1.24 -10.93 9.39
N PHE A 411 -0.59 -9.82 9.75
CA PHE A 411 -1.29 -8.54 9.86
C PHE A 411 -1.27 -7.75 8.55
N THR A 412 -0.88 -8.40 7.45
CA THR A 412 -1.07 -7.82 6.12
C THR A 412 -2.36 -8.34 5.51
N GLY A 413 -3.01 -7.53 4.67
CA GLY A 413 -4.17 -8.03 3.95
C GLY A 413 -3.77 -9.19 3.05
N ALA A 414 -2.53 -9.18 2.57
CA ALA A 414 -2.09 -10.21 1.64
C ALA A 414 -2.11 -11.60 2.27
N ALA A 415 -1.93 -11.66 3.59
CA ALA A 415 -1.91 -12.96 4.28
C ALA A 415 -3.24 -13.72 4.12
N ALA A 416 -4.34 -13.01 3.89
CA ALA A 416 -5.61 -13.69 3.69
C ALA A 416 -5.65 -14.45 2.35
N GLU A 417 -4.81 -14.04 1.41
CA GLU A 417 -4.70 -14.69 0.10
C GLU A 417 -3.49 -15.62 -0.04
N LEU A 418 -2.40 -15.29 0.64
CA LEU A 418 -1.15 -16.01 0.49
C LEU A 418 -0.88 -16.95 1.66
N GLY A 419 -1.84 -17.82 1.95
CA GLY A 419 -1.76 -18.71 3.09
C GLY A 419 -0.62 -19.72 3.02
N GLN A 420 -0.11 -19.99 1.82
CA GLN A 420 0.99 -20.93 1.64
CA GLN A 420 0.98 -20.94 1.64
C GLN A 420 2.34 -20.29 1.89
N ALA A 421 2.35 -18.99 2.18
CA ALA A 421 3.57 -18.32 2.61
C ALA A 421 3.88 -18.80 4.03
N TYR A 422 5.08 -18.47 4.51
CA TYR A 422 5.43 -18.71 5.91
C TYR A 422 4.89 -17.57 6.77
N LEU A 423 3.70 -17.75 7.34
CA LEU A 423 3.02 -16.67 8.07
C LEU A 423 3.58 -16.49 9.47
N VAL A 424 3.69 -15.23 9.91
CA VAL A 424 4.22 -14.96 11.23
C VAL A 424 3.39 -13.91 11.95
N ASN A 425 3.37 -14.01 13.28
CA ASN A 425 2.93 -12.88 14.11
C ASN A 425 4.18 -12.03 14.42
N PRO A 426 4.28 -10.82 13.84
CA PRO A 426 5.52 -10.05 13.99
C PRO A 426 5.77 -9.58 15.42
N HIS A 427 4.74 -9.64 16.25
CA HIS A 427 4.92 -9.30 17.67
C HIS A 427 5.53 -10.42 18.47
N ASN A 428 5.55 -11.61 17.86
CA ASN A 428 6.08 -12.81 18.49
C ASN A 428 7.46 -13.02 17.90
N LEU A 429 8.48 -12.45 18.54
CA LEU A 429 9.80 -12.45 17.90
C LEU A 429 10.35 -13.87 17.79
N ASP A 430 10.04 -14.72 18.76
CA ASP A 430 10.49 -16.11 18.68
C ASP A 430 9.89 -16.81 17.45
N HIS A 431 8.64 -16.48 17.14
CA HIS A 431 7.95 -17.05 16.00
C HIS A 431 8.60 -16.55 14.71
N VAL A 432 8.89 -15.25 14.67
CA VAL A 432 9.56 -14.68 13.51
C VAL A 432 10.93 -15.35 13.30
N LYS A 433 11.68 -15.48 14.39
CA LYS A 433 13.01 -16.09 14.33
C LYS A 433 12.92 -17.54 13.87
N ASP A 434 12.01 -18.32 14.47
CA ASP A 434 11.88 -19.74 14.10
C ASP A 434 11.51 -19.88 12.62
N THR A 435 10.66 -18.98 12.16
CA THR A 435 10.14 -19.06 10.81
C THR A 435 11.20 -18.66 9.79
N MET A 436 12.02 -17.67 10.12
CA MET A 436 13.12 -17.29 9.25
C MET A 436 14.07 -18.47 9.09
N VAL A 437 14.37 -19.17 10.19
CA VAL A 437 15.21 -20.36 10.10
C VAL A 437 14.56 -21.43 9.23
N ALA A 438 13.26 -21.64 9.41
CA ALA A 438 12.56 -22.63 8.60
C ALA A 438 12.64 -22.28 7.10
N ALA A 439 12.46 -21.01 6.77
CA ALA A 439 12.48 -20.59 5.37
C ALA A 439 13.88 -20.73 4.78
N LEU A 440 14.88 -20.38 5.57
CA LEU A 440 16.29 -20.49 5.14
C LEU A 440 16.70 -21.94 4.92
N ASN A 441 16.07 -22.86 5.63
CA ASN A 441 16.46 -24.26 5.55
C ASN A 441 15.43 -25.18 4.86
N GLN A 442 14.44 -24.59 4.19
CA GLN A 442 13.42 -25.40 3.52
C GLN A 442 14.03 -26.30 2.46
N THR A 443 13.37 -27.44 2.23
CA THR A 443 13.78 -28.33 1.14
C THR A 443 13.38 -27.68 -0.18
N PRO A 444 14.08 -28.02 -1.26
CA PRO A 444 13.70 -27.51 -2.59
C PRO A 444 12.24 -27.81 -2.93
N GLU A 445 11.79 -29.03 -2.66
CA GLU A 445 10.43 -29.43 -3.01
C GLU A 445 9.37 -28.68 -2.21
N GLU A 446 9.63 -28.42 -0.94
CA GLU A 446 8.65 -27.69 -0.13
C GLU A 446 8.58 -26.23 -0.57
N GLY A 447 9.75 -25.66 -0.85
CA GLY A 447 9.80 -24.30 -1.37
C GLY A 447 9.03 -24.15 -2.67
N ARG A 448 9.28 -25.06 -3.61
CA ARG A 448 8.65 -25.00 -4.92
CA ARG A 448 8.65 -25.01 -4.92
C ARG A 448 7.15 -25.24 -4.80
N ARG A 449 6.75 -26.12 -3.88
CA ARG A 449 5.33 -26.38 -3.66
C ARG A 449 4.59 -25.12 -3.20
N ARG A 450 5.15 -24.47 -2.21
CA ARG A 450 4.58 -23.22 -1.73
C ARG A 450 4.57 -22.15 -2.83
N MET A 451 5.69 -21.99 -3.53
CA MET A 451 5.79 -20.92 -4.52
C MET A 451 4.83 -21.16 -5.69
N ARG A 452 4.68 -22.42 -6.11
CA ARG A 452 3.71 -22.74 -7.15
C ARG A 452 2.30 -22.35 -6.68
N ALA A 453 1.97 -22.66 -5.43
CA ALA A 453 0.65 -22.35 -4.88
C ALA A 453 0.41 -20.83 -4.80
N LEU A 454 1.41 -20.10 -4.31
CA LEU A 454 1.31 -18.65 -4.24
C LEU A 454 1.14 -18.03 -5.62
N ARG A 455 1.90 -18.52 -6.59
CA ARG A 455 1.84 -17.96 -7.94
C ARG A 455 0.49 -18.22 -8.61
N ARG A 456 -0.09 -19.39 -8.37
CA ARG A 456 -1.42 -19.71 -8.90
C ARG A 456 -2.42 -18.66 -8.43
N GLN A 457 -2.30 -18.27 -7.16
CA GLN A 457 -3.20 -17.28 -6.58
C GLN A 457 -2.95 -15.90 -7.20
N VAL A 458 -1.69 -15.47 -7.20
CA VAL A 458 -1.35 -14.10 -7.62
C VAL A 458 -1.54 -13.88 -9.13
N LEU A 459 -1.24 -14.89 -9.93
CA LEU A 459 -1.45 -14.76 -11.38
C LEU A 459 -2.94 -14.69 -11.75
N ALA A 460 -3.79 -15.35 -10.97
CA ALA A 460 -5.22 -15.36 -11.27
C ALA A 460 -5.94 -14.17 -10.65
N HIS A 461 -5.43 -13.69 -9.52
CA HIS A 461 -6.06 -12.58 -8.81
C HIS A 461 -5.18 -11.34 -8.92
N ASP A 462 -5.33 -10.66 -10.05
CA ASP A 462 -4.48 -9.54 -10.42
C ASP A 462 -5.26 -8.23 -10.34
N VAL A 463 -4.63 -7.12 -10.74
CA VAL A 463 -5.24 -5.83 -10.54
C VAL A 463 -6.45 -5.68 -11.49
N ASP A 464 -6.41 -6.37 -12.62
CA ASP A 464 -7.54 -6.33 -13.55
C ASP A 464 -8.79 -6.97 -12.92
N LEU A 465 -8.62 -8.06 -12.18
CA LEU A 465 -9.76 -8.70 -11.51
C LEU A 465 -10.32 -7.78 -10.45
N TRP A 466 -9.43 -7.17 -9.68
CA TRP A 466 -9.80 -6.22 -8.66
C TRP A 466 -10.61 -5.05 -9.21
N ALA A 467 -10.08 -4.38 -10.22
CA ALA A 467 -10.75 -3.23 -10.81
C ALA A 467 -12.09 -3.59 -11.46
N ARG A 468 -12.13 -4.71 -12.17
CA ARG A 468 -13.35 -5.16 -12.81
C ARG A 468 -14.43 -5.42 -11.76
N SER A 469 -14.02 -6.04 -10.67
CA SER A 469 -14.96 -6.38 -9.59
C SER A 469 -15.54 -5.12 -8.95
N PHE A 470 -14.67 -4.17 -8.63
CA PHE A 470 -15.12 -2.91 -8.03
C PHE A 470 -16.00 -2.14 -8.99
N LEU A 471 -15.55 -1.98 -10.24
CA LEU A 471 -16.29 -1.16 -11.19
C LEU A 471 -17.60 -1.80 -11.64
N ASP A 472 -17.66 -3.13 -11.68
CA ASP A 472 -18.93 -3.79 -11.97
C ASP A 472 -19.93 -3.57 -10.83
N ALA A 473 -19.43 -3.62 -9.60
CA ALA A 473 -20.26 -3.35 -8.42
C ALA A 473 -20.74 -1.91 -8.43
N LEU A 474 -19.84 -1.00 -8.79
CA LEU A 474 -20.19 0.42 -8.87
C LEU A 474 -21.23 0.69 -9.95
N ALA A 475 -21.03 0.07 -11.11
CA ALA A 475 -21.96 0.26 -12.22
C ALA A 475 -23.36 -0.22 -11.86
N SER A 476 -23.43 -1.28 -11.05
CA SER A 476 -24.73 -1.85 -10.70
C SER A 476 -25.56 -0.92 -9.82
N THR A 477 -24.95 0.12 -9.27
CA THR A 477 -25.69 1.10 -8.47
C THR A 477 -26.47 2.10 -9.34
N ARG A 478 -26.21 2.10 -10.64
CA ARG A 478 -26.88 3.03 -11.53
C ARG A 478 -28.36 2.68 -11.74
#